data_7W30
#
_entry.id   7W30
#
_cell.length_a   70.725
_cell.length_b   70.725
_cell.length_c   119.931
_cell.angle_alpha   90.000
_cell.angle_beta   90.000
_cell.angle_gamma   120.000
#
_symmetry.space_group_name_H-M   'P 32 2 1'
#
loop_
_entity.id
_entity.type
_entity.pdbx_description
1 polymer 'Survival motor neuron protein'
2 non-polymer 1,2-dimethylquinolin-4-imine
3 non-polymer 'UNKNOWN ATOM OR ION'
4 water water
#
_entity_poly.entity_id   1
_entity_poly.type   'polypeptide(L)'
_entity_poly.pdbx_seq_one_letter_code
;KKNTAASLQQWKVGDKCSAIWSEDGCIYPATIASIDFKRETCVVVYTGYGNREEQNLSDLLSPICE
;
_entity_poly.pdbx_strand_id   A,B,C,D
#
# COMPACT_ATOMS: atom_id res chain seq x y z
N SER A 7 8.70 3.67 3.82
CA SER A 7 8.02 2.37 3.56
C SER A 7 9.02 1.25 3.33
N LEU A 8 8.95 0.18 4.12
CA LEU A 8 9.72 -1.08 3.85
C LEU A 8 9.41 -1.66 2.46
N GLN A 9 8.14 -1.89 2.09
CA GLN A 9 7.81 -2.47 0.78
C GLN A 9 7.97 -1.41 -0.30
N GLN A 10 8.57 -1.78 -1.41
CA GLN A 10 8.76 -0.88 -2.57
C GLN A 10 7.61 -1.10 -3.55
N TRP A 11 7.10 -0.02 -4.14
CA TRP A 11 6.20 -0.11 -5.30
C TRP A 11 7.01 -0.76 -6.42
N LYS A 12 6.40 -1.62 -7.18
CA LYS A 12 7.04 -2.15 -8.42
C LYS A 12 6.08 -2.10 -9.57
N VAL A 13 6.69 -2.27 -10.76
CA VAL A 13 5.97 -2.32 -12.04
CA VAL A 13 5.97 -2.32 -12.05
C VAL A 13 4.99 -3.49 -12.00
N GLY A 14 3.78 -3.23 -12.53
CA GLY A 14 2.67 -4.19 -12.45
C GLY A 14 1.80 -4.04 -11.20
N ASP A 15 2.22 -3.30 -10.19
CA ASP A 15 1.39 -3.06 -8.98
C ASP A 15 0.08 -2.33 -9.34
N LYS A 16 -0.99 -2.78 -8.74
CA LYS A 16 -2.32 -2.13 -8.78
CA LYS A 16 -2.31 -2.14 -8.77
C LYS A 16 -2.32 -0.99 -7.75
N CYS A 17 -2.84 0.16 -8.15
CA CYS A 17 -2.88 1.37 -7.31
C CYS A 17 -4.16 2.14 -7.69
N SER A 18 -4.38 3.19 -6.97
CA SER A 18 -5.27 4.31 -7.33
C SER A 18 -4.43 5.59 -7.47
N ALA A 19 -4.85 6.46 -8.36
CA ALA A 19 -4.11 7.72 -8.62
C ALA A 19 -5.12 8.81 -8.94
N ILE A 20 -4.71 10.00 -8.59
CA ILE A 20 -5.49 11.24 -8.83
C ILE A 20 -5.23 11.63 -10.30
N TRP A 21 -6.26 11.72 -11.14
CA TRP A 21 -6.08 12.16 -12.54
C TRP A 21 -5.83 13.67 -12.57
N SER A 22 -4.70 14.05 -13.17
CA SER A 22 -4.25 15.46 -13.33
C SER A 22 -5.46 16.31 -13.76
N GLU A 23 -6.30 15.84 -14.67
CA GLU A 23 -7.30 16.71 -15.36
C GLU A 23 -8.54 16.97 -14.51
N ASP A 24 -8.98 16.09 -13.62
CA ASP A 24 -10.21 16.42 -12.85
C ASP A 24 -9.99 16.33 -11.35
N GLY A 25 -8.86 15.86 -10.81
CA GLY A 25 -8.64 15.82 -9.35
C GLY A 25 -9.37 14.65 -8.66
N CYS A 26 -9.92 13.71 -9.44
CA CYS A 26 -10.65 12.53 -8.91
C CYS A 26 -9.74 11.32 -8.94
N ILE A 27 -10.08 10.29 -8.13
CA ILE A 27 -9.20 9.13 -8.00
C ILE A 27 -9.70 8.01 -8.91
N TYR A 28 -8.81 7.31 -9.63
CA TYR A 28 -9.19 6.20 -10.51
C TYR A 28 -8.19 5.06 -10.34
N PRO A 29 -8.65 3.84 -10.62
CA PRO A 29 -7.79 2.69 -10.57
C PRO A 29 -6.76 2.65 -11.71
N ALA A 30 -5.55 2.15 -11.37
CA ALA A 30 -4.42 2.23 -12.30
C ALA A 30 -3.45 1.09 -12.02
N THR A 31 -2.49 0.95 -12.91
CA THR A 31 -1.37 0.02 -12.79
C THR A 31 -0.08 0.78 -13.08
N ILE A 32 0.99 0.40 -12.41
CA ILE A 32 2.31 1.02 -12.65
C ILE A 32 2.89 0.37 -13.89
N ALA A 33 3.30 1.16 -14.87
CA ALA A 33 3.95 0.71 -16.10
C ALA A 33 5.46 0.85 -16.00
N SER A 34 5.99 1.79 -15.23
CA SER A 34 7.44 2.10 -15.19
C SER A 34 7.67 2.91 -13.95
N ILE A 35 8.88 2.77 -13.45
CA ILE A 35 9.34 3.56 -12.29
C ILE A 35 10.72 4.13 -12.61
N ASP A 36 10.91 5.40 -12.31
CA ASP A 36 12.22 6.10 -12.41
C ASP A 36 12.84 6.10 -11.00
N PHE A 37 13.67 5.11 -10.68
CA PHE A 37 14.16 4.85 -9.30
C PHE A 37 14.79 6.13 -8.73
N LYS A 38 15.67 6.82 -9.47
CA LYS A 38 16.36 8.03 -8.96
C LYS A 38 15.31 9.12 -8.70
N ARG A 39 14.48 9.43 -9.69
CA ARG A 39 13.49 10.55 -9.67
C ARG A 39 12.30 10.19 -8.74
N GLU A 40 12.15 8.95 -8.25
CA GLU A 40 10.99 8.50 -7.40
C GLU A 40 9.67 8.86 -8.09
N THR A 41 9.64 8.75 -9.41
CA THR A 41 8.42 9.00 -10.21
C THR A 41 8.04 7.69 -10.91
N CYS A 42 6.83 7.61 -11.43
CA CYS A 42 6.39 6.42 -12.18
C CYS A 42 5.45 6.83 -13.28
N VAL A 43 5.18 5.91 -14.18
CA VAL A 43 4.10 6.13 -15.17
C VAL A 43 2.99 5.15 -14.83
N VAL A 44 1.73 5.62 -14.79
CA VAL A 44 0.57 4.77 -14.45
C VAL A 44 -0.30 4.74 -15.66
N VAL A 45 -0.93 3.59 -15.83
CA VAL A 45 -1.89 3.36 -16.93
C VAL A 45 -3.25 3.25 -16.23
N TYR A 46 -4.18 4.13 -16.59
CA TYR A 46 -5.54 4.12 -16.00
C TYR A 46 -6.35 2.95 -16.55
N THR A 47 -6.83 2.10 -15.67
CA THR A 47 -7.69 0.96 -16.03
C THR A 47 -8.90 1.41 -16.82
N GLY A 48 -9.18 0.70 -17.93
CA GLY A 48 -10.37 0.94 -18.77
C GLY A 48 -10.19 2.13 -19.69
N TYR A 49 -9.82 3.33 -19.21
CA TYR A 49 -9.53 4.53 -20.08
C TYR A 49 -8.32 4.19 -20.99
N GLY A 50 -7.25 3.63 -20.44
CA GLY A 50 -6.05 3.16 -21.16
C GLY A 50 -5.01 4.26 -21.31
N ASN A 51 -5.33 5.50 -20.91
CA ASN A 51 -4.38 6.64 -20.92
C ASN A 51 -3.32 6.45 -19.85
N ARG A 52 -2.19 7.15 -19.98
CA ARG A 52 -1.09 7.04 -19.00
C ARG A 52 -0.52 8.41 -18.70
N GLU A 53 0.05 8.56 -17.52
CA GLU A 53 0.71 9.83 -17.11
C GLU A 53 1.62 9.59 -15.93
N GLU A 54 2.50 10.55 -15.72
CA GLU A 54 3.53 10.51 -14.66
C GLU A 54 2.85 10.77 -13.32
N GLN A 55 3.31 10.09 -12.26
CA GLN A 55 2.89 10.31 -10.88
C GLN A 55 4.15 10.25 -10.04
N ASN A 56 4.29 11.09 -9.05
CA ASN A 56 5.28 10.81 -7.99
C ASN A 56 4.89 9.51 -7.27
N LEU A 57 5.85 8.66 -6.97
CA LEU A 57 5.60 7.42 -6.19
C LEU A 57 4.88 7.77 -4.88
N SER A 58 5.22 8.89 -4.26
CA SER A 58 4.62 9.30 -2.96
C SER A 58 3.13 9.65 -3.11
N ASP A 59 2.60 9.88 -4.31
CA ASP A 59 1.18 10.26 -4.50
C ASP A 59 0.31 9.03 -4.81
N LEU A 60 0.90 7.88 -5.10
CA LEU A 60 0.12 6.64 -5.41
C LEU A 60 -0.61 6.18 -4.15
N LEU A 61 -1.82 5.65 -4.33
CA LEU A 61 -2.67 5.16 -3.24
C LEU A 61 -2.84 3.67 -3.42
N SER A 62 -3.05 2.94 -2.32
CA SER A 62 -3.52 1.54 -2.49
CA SER A 62 -3.59 1.56 -2.38
C SER A 62 -4.90 1.63 -3.15
N PRO A 63 -5.24 0.60 -3.96
CA PRO A 63 -6.50 0.57 -4.70
C PRO A 63 -7.71 0.88 -3.80
N ILE A 64 -8.48 1.86 -4.20
CA ILE A 64 -9.63 2.37 -3.42
C ILE A 64 -10.65 1.27 -3.39
N CYS A 65 -11.33 1.12 -2.26
CA CYS A 65 -12.53 0.27 -2.13
C CYS A 65 -12.17 -1.15 -2.59
N GLU A 66 -11.00 -1.65 -2.16
CA GLU A 66 -10.55 -3.05 -2.45
C GLU A 66 -10.16 -3.70 -1.13
N LEU B 8 -2.18 10.36 2.99
CA LEU B 8 -3.41 9.67 3.50
C LEU B 8 -2.98 8.30 4.04
N GLN B 9 -3.40 7.96 5.27
CA GLN B 9 -3.12 6.62 5.86
C GLN B 9 -4.19 5.61 5.44
N GLN B 10 -3.91 4.67 4.53
CA GLN B 10 -5.02 3.83 3.99
C GLN B 10 -5.09 2.49 4.72
N TRP B 11 -4.15 2.12 5.60
CA TRP B 11 -4.32 0.88 6.39
C TRP B 11 -5.54 0.96 7.31
N LYS B 12 -6.24 -0.16 7.50
CA LYS B 12 -7.51 -0.15 8.29
C LYS B 12 -7.44 -1.26 9.33
N VAL B 13 -8.09 -1.04 10.45
CA VAL B 13 -8.20 -2.10 11.46
C VAL B 13 -8.85 -3.30 10.81
N GLY B 14 -8.29 -4.47 11.08
CA GLY B 14 -8.88 -5.71 10.52
C GLY B 14 -8.15 -6.09 9.23
N ASP B 15 -7.34 -5.24 8.60
CA ASP B 15 -6.69 -5.59 7.31
C ASP B 15 -5.72 -6.79 7.50
N LYS B 16 -5.71 -7.68 6.51
CA LYS B 16 -4.68 -8.74 6.40
C LYS B 16 -3.38 -8.02 6.05
N CYS B 17 -2.25 -8.45 6.59
CA CYS B 17 -0.92 -7.93 6.24
C CYS B 17 0.10 -8.98 6.68
N SER B 18 1.34 -8.63 6.51
CA SER B 18 2.48 -9.41 6.98
C SER B 18 3.38 -8.42 7.66
N ALA B 19 4.18 -8.94 8.57
CA ALA B 19 5.12 -8.11 9.34
C ALA B 19 6.21 -9.04 9.83
N ILE B 20 7.30 -8.42 10.15
CA ILE B 20 8.45 -9.08 10.80
C ILE B 20 8.21 -9.37 12.29
N TRP B 21 8.32 -10.64 12.73
CA TRP B 21 8.20 -11.07 14.16
C TRP B 21 9.53 -10.70 14.85
N SER B 22 9.45 -9.93 15.96
CA SER B 22 10.59 -9.25 16.65
C SER B 22 11.64 -10.33 16.90
N GLU B 23 11.15 -11.53 17.26
CA GLU B 23 11.96 -12.58 17.96
C GLU B 23 12.93 -13.21 16.96
N ASP B 24 12.52 -13.41 15.70
CA ASP B 24 13.36 -14.18 14.73
C ASP B 24 13.69 -13.37 13.46
N GLY B 25 13.09 -12.20 13.19
CA GLY B 25 13.33 -11.48 11.93
C GLY B 25 12.58 -12.13 10.76
N CYS B 26 11.67 -13.08 11.03
CA CYS B 26 10.99 -13.76 9.92
C CYS B 26 9.64 -13.07 9.70
N ILE B 27 9.24 -12.83 8.44
CA ILE B 27 7.89 -12.27 8.12
C ILE B 27 6.82 -13.32 8.41
N TYR B 28 5.75 -12.91 9.11
CA TYR B 28 4.60 -13.79 9.48
C TYR B 28 3.31 -13.16 9.00
N PRO B 29 2.29 -13.95 8.69
CA PRO B 29 0.99 -13.36 8.36
C PRO B 29 0.35 -12.74 9.62
N ALA B 30 -0.36 -11.65 9.43
CA ALA B 30 -0.92 -10.87 10.54
C ALA B 30 -2.19 -10.16 10.07
N THR B 31 -2.94 -9.72 11.05
CA THR B 31 -3.95 -8.69 10.86
C THR B 31 -3.67 -7.50 11.78
N ILE B 32 -4.18 -6.36 11.39
CA ILE B 32 -4.13 -5.11 12.21
C ILE B 32 -5.20 -5.20 13.29
N ALA B 33 -4.78 -5.13 14.54
CA ALA B 33 -5.75 -5.12 15.64
C ALA B 33 -6.09 -3.66 16.03
N SER B 34 -5.11 -2.76 15.91
CA SER B 34 -5.27 -1.36 16.36
C SER B 34 -4.31 -0.45 15.60
N ILE B 35 -4.70 0.82 15.47
CA ILE B 35 -3.87 1.86 14.82
C ILE B 35 -3.87 3.14 15.66
N ASP B 36 -2.68 3.68 15.83
CA ASP B 36 -2.44 5.06 16.34
C ASP B 36 -2.04 5.90 15.13
N PHE B 37 -3.00 6.65 14.59
CA PHE B 37 -2.75 7.39 13.32
C PHE B 37 -1.84 8.57 13.63
N LYS B 38 -1.86 9.11 14.84
CA LYS B 38 -0.98 10.27 15.14
C LYS B 38 0.47 9.78 15.23
N ARG B 39 0.76 8.66 15.89
CA ARG B 39 2.16 8.15 16.04
C ARG B 39 2.53 7.32 14.83
N GLU B 40 1.55 6.97 14.00
CA GLU B 40 1.75 6.14 12.78
C GLU B 40 2.31 4.77 13.19
N THR B 41 1.74 4.23 14.25
CA THR B 41 2.04 2.87 14.71
C THR B 41 0.75 2.08 14.73
N CYS B 42 0.91 0.83 15.06
CA CYS B 42 -0.19 -0.13 15.16
C CYS B 42 0.21 -1.33 16.03
N VAL B 43 -0.79 -2.17 16.32
CA VAL B 43 -0.62 -3.52 16.93
C VAL B 43 -1.15 -4.53 15.95
N VAL B 44 -0.29 -5.50 15.56
CA VAL B 44 -0.72 -6.64 14.75
C VAL B 44 -0.88 -7.89 15.60
N VAL B 45 -1.73 -8.78 15.09
CA VAL B 45 -1.94 -10.14 15.66
C VAL B 45 -1.42 -11.14 14.66
N TYR B 46 -0.56 -12.02 15.13
CA TYR B 46 0.04 -13.06 14.24
C TYR B 46 -1.03 -14.12 14.04
N THR B 47 -1.44 -14.33 12.80
CA THR B 47 -2.45 -15.37 12.47
C THR B 47 -2.05 -16.74 13.05
N GLY B 48 -3.03 -17.45 13.63
CA GLY B 48 -2.87 -18.81 14.19
C GLY B 48 -2.37 -18.76 15.62
N TYR B 49 -1.37 -17.91 15.84
CA TYR B 49 -0.61 -17.84 17.12
C TYR B 49 -1.31 -16.89 18.11
N GLY B 50 -1.94 -15.82 17.63
CA GLY B 50 -2.65 -14.83 18.48
C GLY B 50 -1.71 -13.87 19.27
N ASN B 51 -0.37 -14.09 19.26
CA ASN B 51 0.62 -13.14 19.83
C ASN B 51 0.46 -11.75 19.15
N ARG B 52 0.64 -10.69 19.92
CA ARG B 52 0.47 -9.30 19.43
C ARG B 52 1.83 -8.63 19.44
N GLU B 53 2.03 -7.68 18.55
CA GLU B 53 3.27 -6.89 18.56
C GLU B 53 2.97 -5.50 18.00
N GLU B 54 3.70 -4.52 18.51
CA GLU B 54 3.75 -3.16 17.94
C GLU B 54 4.53 -3.19 16.62
N GLN B 55 4.06 -2.42 15.66
CA GLN B 55 4.76 -2.18 14.37
C GLN B 55 4.57 -0.72 13.99
N ASN B 56 5.54 -0.16 13.30
CA ASN B 56 5.32 1.09 12.52
C ASN B 56 4.37 0.75 11.37
N LEU B 57 3.45 1.66 11.05
CA LEU B 57 2.55 1.47 9.88
C LEU B 57 3.40 1.32 8.61
N SER B 58 4.52 2.06 8.50
CA SER B 58 5.40 2.03 7.29
C SER B 58 6.06 0.68 7.11
N ASP B 59 6.08 -0.18 8.15
CA ASP B 59 6.77 -1.49 8.06
C ASP B 59 5.78 -2.61 7.76
N LEU B 60 4.47 -2.32 7.64
CA LEU B 60 3.52 -3.38 7.23
C LEU B 60 3.72 -3.65 5.75
N LEU B 61 3.62 -4.94 5.39
CA LEU B 61 3.77 -5.49 4.03
C LEU B 61 2.44 -6.06 3.61
N SER B 62 2.24 -6.25 2.32
CA SER B 62 1.07 -7.00 1.82
C SER B 62 0.98 -8.33 2.55
N PRO B 63 -0.24 -8.90 2.56
CA PRO B 63 -0.48 -10.25 3.02
C PRO B 63 0.19 -11.28 2.15
N ILE B 64 0.36 -12.46 2.72
CA ILE B 64 1.09 -13.58 2.09
C ILE B 64 0.17 -14.23 1.08
N CYS B 65 0.64 -14.52 -0.10
CA CYS B 65 -0.22 -15.09 -1.13
C CYS B 65 -0.86 -16.37 -0.58
N GLU B 66 -2.14 -16.58 -0.90
CA GLU B 66 -2.94 -17.71 -0.37
C GLU B 66 -3.25 -18.58 -1.58
CA SER C 7 30.47 -4.90 5.06
C SER C 7 29.87 -5.21 3.67
N LEU C 8 30.57 -6.02 2.85
CA LEU C 8 30.37 -6.25 1.38
C LEU C 8 29.31 -7.31 1.04
N GLN C 9 28.75 -7.98 2.04
CA GLN C 9 27.79 -9.10 1.82
C GLN C 9 26.75 -8.70 0.74
N GLN C 10 26.47 -9.58 -0.21
CA GLN C 10 25.44 -9.34 -1.23
C GLN C 10 24.35 -10.41 -1.14
N TRP C 11 23.25 -10.14 -1.79
CA TRP C 11 22.29 -11.17 -2.24
C TRP C 11 23.06 -12.18 -3.08
N LYS C 12 22.84 -13.49 -2.88
CA LYS C 12 23.56 -14.48 -3.72
C LYS C 12 22.57 -15.59 -4.09
N VAL C 13 22.92 -16.32 -5.13
CA VAL C 13 22.03 -17.42 -5.58
C VAL C 13 21.89 -18.35 -4.38
N GLY C 14 20.68 -18.83 -4.18
CA GLY C 14 20.36 -19.73 -3.05
C GLY C 14 19.78 -18.99 -1.85
N ASP C 15 19.85 -17.67 -1.79
CA ASP C 15 19.39 -16.97 -0.55
C ASP C 15 17.85 -17.01 -0.47
N LYS C 16 17.35 -17.29 0.71
CA LYS C 16 15.91 -17.24 1.04
C LYS C 16 15.54 -15.77 1.09
N CYS C 17 14.32 -15.45 0.69
CA CYS C 17 13.84 -14.06 0.66
C CYS C 17 12.33 -14.12 0.48
N SER C 18 11.67 -12.96 0.40
CA SER C 18 10.27 -12.93 -0.03
C SER C 18 10.13 -11.88 -1.11
N ALA C 19 9.13 -12.05 -1.98
CA ALA C 19 8.98 -11.16 -3.12
C ALA C 19 7.51 -10.83 -3.32
N ILE C 20 7.27 -9.72 -4.01
N ILE C 20 7.29 -9.73 -4.06
CA ILE C 20 5.92 -9.13 -4.22
CA ILE C 20 5.95 -9.15 -4.32
C ILE C 20 5.33 -9.72 -5.50
C ILE C 20 5.36 -9.82 -5.55
N TRP C 21 4.09 -10.26 -5.40
CA TRP C 21 3.34 -10.81 -6.54
C TRP C 21 2.22 -9.82 -6.92
N SER C 22 2.50 -8.97 -7.90
CA SER C 22 1.64 -7.82 -8.24
C SER C 22 0.25 -8.28 -8.71
N GLU C 23 0.06 -9.42 -9.37
CA GLU C 23 -1.26 -9.82 -9.93
C GLU C 23 -2.28 -9.92 -8.77
N ASP C 24 -1.86 -10.32 -7.55
CA ASP C 24 -2.83 -10.55 -6.43
C ASP C 24 -2.50 -9.64 -5.24
N GLY C 25 -1.49 -8.78 -5.34
CA GLY C 25 -1.11 -7.83 -4.28
C GLY C 25 -0.64 -8.55 -3.01
N CYS C 26 0.25 -9.50 -3.14
CA CYS C 26 0.55 -10.35 -1.94
C CYS C 26 2.03 -10.67 -2.02
N ILE C 27 2.65 -11.06 -0.92
CA ILE C 27 4.09 -11.43 -0.96
CA ILE C 27 4.09 -11.42 -0.84
C ILE C 27 4.24 -12.95 -0.82
N TYR C 28 5.36 -13.46 -1.28
CA TYR C 28 5.54 -14.92 -1.36
C TYR C 28 6.96 -15.32 -0.99
N PRO C 29 7.08 -16.51 -0.39
CA PRO C 29 8.37 -17.07 0.00
C PRO C 29 9.12 -17.51 -1.24
N ALA C 30 10.42 -17.17 -1.25
CA ALA C 30 11.21 -17.36 -2.45
C ALA C 30 12.67 -17.69 -2.12
N THR C 31 13.33 -18.20 -3.15
CA THR C 31 14.81 -18.38 -3.21
CA THR C 31 14.80 -18.40 -3.23
C THR C 31 15.34 -17.73 -4.49
N ILE C 32 16.48 -17.01 -4.40
CA ILE C 32 17.18 -16.48 -5.61
C ILE C 32 17.67 -17.62 -6.49
N ALA C 33 17.27 -17.65 -7.75
CA ALA C 33 17.77 -18.65 -8.71
C ALA C 33 18.93 -18.10 -9.56
N SER C 34 18.91 -16.83 -9.90
CA SER C 34 19.99 -16.20 -10.73
C SER C 34 19.97 -14.67 -10.44
N ILE C 35 21.10 -14.03 -10.66
CA ILE C 35 21.24 -12.57 -10.44
C ILE C 35 21.90 -11.95 -11.65
N ASP C 36 21.36 -10.82 -12.09
CA ASP C 36 21.97 -9.95 -13.10
C ASP C 36 22.53 -8.73 -12.38
N PHE C 37 23.83 -8.68 -12.16
CA PHE C 37 24.46 -7.57 -11.42
C PHE C 37 24.49 -6.31 -12.30
N LYS C 38 24.49 -6.44 -13.63
CA LYS C 38 24.50 -5.22 -14.48
C LYS C 38 23.14 -4.53 -14.26
N ARG C 39 22.03 -5.28 -14.34
CA ARG C 39 20.68 -4.69 -14.31
C ARG C 39 20.25 -4.51 -12.84
N GLU C 40 20.90 -5.20 -11.93
CA GLU C 40 20.55 -5.28 -10.49
C GLU C 40 19.20 -5.95 -10.31
N THR C 41 18.98 -7.04 -11.05
CA THR C 41 17.75 -7.86 -11.03
C THR C 41 18.14 -9.27 -10.65
N CYS C 42 17.11 -10.09 -10.49
CA CYS C 42 17.33 -11.49 -10.12
C CYS C 42 16.09 -12.23 -10.58
N VAL C 43 16.19 -13.53 -10.69
CA VAL C 43 15.02 -14.42 -10.83
C VAL C 43 14.86 -15.19 -9.52
N VAL C 44 13.66 -15.18 -9.00
CA VAL C 44 13.34 -15.97 -7.77
C VAL C 44 12.39 -17.13 -8.10
N VAL C 45 12.42 -18.17 -7.29
CA VAL C 45 11.55 -19.35 -7.37
C VAL C 45 10.60 -19.28 -6.20
N TYR C 46 9.32 -19.35 -6.48
CA TYR C 46 8.28 -19.45 -5.42
C TYR C 46 8.43 -20.79 -4.65
N THR C 47 8.81 -20.72 -3.39
CA THR C 47 9.02 -21.92 -2.53
C THR C 47 7.71 -22.73 -2.51
N GLY C 48 7.82 -24.05 -2.76
CA GLY C 48 6.70 -25.00 -2.71
C GLY C 48 6.06 -25.25 -4.07
N TYR C 49 6.31 -24.40 -5.06
CA TYR C 49 5.52 -24.36 -6.32
C TYR C 49 6.38 -24.41 -7.59
N GLY C 50 7.54 -23.75 -7.58
CA GLY C 50 8.52 -23.70 -8.68
C GLY C 50 8.27 -22.53 -9.62
N ASN C 51 7.17 -21.80 -9.49
CA ASN C 51 6.97 -20.60 -10.34
C ASN C 51 8.20 -19.68 -10.26
N ARG C 52 8.60 -19.06 -11.36
CA ARG C 52 9.72 -18.09 -11.30
C ARG C 52 9.33 -16.69 -11.71
N GLU C 53 10.08 -15.68 -11.26
CA GLU C 53 9.70 -14.29 -11.49
C GLU C 53 10.94 -13.41 -11.35
N GLU C 54 11.03 -12.44 -12.27
CA GLU C 54 12.10 -11.43 -12.24
C GLU C 54 11.71 -10.41 -11.20
N GLN C 55 12.66 -10.02 -10.34
CA GLN C 55 12.51 -8.95 -9.35
C GLN C 55 13.72 -8.02 -9.41
N ASN C 56 13.53 -6.76 -9.05
CA ASN C 56 14.67 -5.90 -8.70
C ASN C 56 15.25 -6.45 -7.39
N LEU C 57 16.56 -6.43 -7.28
CA LEU C 57 17.22 -6.76 -5.98
C LEU C 57 16.72 -5.83 -4.87
N SER C 58 16.50 -4.58 -5.19
CA SER C 58 16.08 -3.56 -4.21
C SER C 58 14.67 -3.90 -3.67
N ASP C 59 13.93 -4.80 -4.30
CA ASP C 59 12.49 -5.05 -4.01
C ASP C 59 12.35 -6.30 -3.15
N LEU C 60 13.42 -7.08 -3.01
CA LEU C 60 13.41 -8.30 -2.19
C LEU C 60 13.18 -7.89 -0.75
N LEU C 61 12.52 -8.78 -0.04
CA LEU C 61 12.20 -8.65 1.40
C LEU C 61 12.78 -9.86 2.13
N SER C 62 12.66 -9.85 3.42
CA SER C 62 13.17 -10.87 4.36
C SER C 62 12.39 -12.15 4.13
N PRO C 63 12.93 -13.28 4.56
CA PRO C 63 12.20 -14.56 4.50
C PRO C 63 10.88 -14.58 5.28
N ILE C 64 9.96 -15.46 4.85
CA ILE C 64 8.62 -15.75 5.46
C ILE C 64 8.72 -16.99 6.35
N CYS C 65 7.86 -17.09 7.36
CA CYS C 65 7.77 -18.30 8.22
C CYS C 65 6.30 -18.69 8.42
N GLU C 66 6.06 -19.97 8.74
CA GLU C 66 4.76 -20.53 9.17
C GLU C 66 4.79 -20.65 10.70
N GLN D 10 -10.22 27.84 -0.45
CA GLN D 10 -10.79 27.40 0.84
C GLN D 10 -11.95 26.43 0.53
N TRP D 11 -12.06 25.37 1.34
CA TRP D 11 -13.32 24.64 1.65
C TRP D 11 -14.04 25.43 2.75
N LYS D 12 -15.35 25.22 2.86
CA LYS D 12 -16.25 25.95 3.77
C LYS D 12 -17.12 24.94 4.51
N VAL D 13 -17.44 25.20 5.77
CA VAL D 13 -18.48 24.41 6.49
C VAL D 13 -19.73 24.37 5.60
N GLY D 14 -20.35 23.21 5.47
CA GLY D 14 -21.61 23.00 4.74
C GLY D 14 -21.31 22.53 3.33
N ASP D 15 -20.05 22.59 2.89
CA ASP D 15 -19.64 22.20 1.51
C ASP D 15 -19.86 20.71 1.32
N LYS D 16 -20.41 20.36 0.15
CA LYS D 16 -20.54 18.98 -0.33
C LYS D 16 -19.14 18.53 -0.79
N CYS D 17 -18.80 17.27 -0.49
CA CYS D 17 -17.50 16.68 -0.87
C CYS D 17 -17.68 15.17 -1.05
N SER D 18 -16.62 14.54 -1.53
CA SER D 18 -16.47 13.07 -1.52
C SER D 18 -15.29 12.79 -0.63
N ALA D 19 -15.40 11.79 0.24
CA ALA D 19 -14.32 11.50 1.20
C ALA D 19 -14.16 9.98 1.30
N ILE D 20 -12.94 9.54 1.56
CA ILE D 20 -12.64 8.11 1.75
C ILE D 20 -13.02 7.72 3.18
N TRP D 21 -13.93 6.76 3.35
CA TRP D 21 -14.28 6.26 4.69
C TRP D 21 -13.16 5.42 5.29
N SER D 22 -12.65 5.77 6.45
CA SER D 22 -11.46 5.07 7.01
CA SER D 22 -11.48 5.08 7.08
C SER D 22 -11.76 3.57 7.25
N GLU D 23 -13.05 3.19 7.39
CA GLU D 23 -13.43 1.80 7.80
C GLU D 23 -13.39 0.87 6.58
N ASP D 24 -13.64 1.34 5.37
CA ASP D 24 -13.65 0.39 4.25
C ASP D 24 -12.83 0.90 3.09
N GLY D 25 -12.27 2.10 3.16
CA GLY D 25 -11.35 2.56 2.12
C GLY D 25 -12.09 2.97 0.84
N CYS D 26 -13.40 3.05 0.91
CA CYS D 26 -14.25 3.47 -0.22
C CYS D 26 -14.61 4.97 -0.13
N ILE D 27 -14.97 5.54 -1.26
CA ILE D 27 -15.33 6.99 -1.40
C ILE D 27 -16.84 7.11 -1.26
N TYR D 28 -17.28 8.12 -0.48
CA TYR D 28 -18.70 8.36 -0.19
C TYR D 28 -18.98 9.84 -0.19
N PRO D 29 -20.21 10.21 -0.55
CA PRO D 29 -20.67 11.58 -0.44
C PRO D 29 -20.74 12.03 1.01
N ALA D 30 -20.22 13.24 1.26
CA ALA D 30 -20.20 13.78 2.63
C ALA D 30 -20.40 15.31 2.60
N THR D 31 -20.57 15.91 3.79
CA THR D 31 -20.63 17.38 3.93
C THR D 31 -19.70 17.74 5.08
N ILE D 32 -19.08 18.92 5.03
CA ILE D 32 -18.15 19.34 6.09
C ILE D 32 -19.00 19.82 7.27
N ALA D 33 -18.80 19.23 8.44
CA ALA D 33 -19.48 19.65 9.70
C ALA D 33 -18.67 20.75 10.38
N SER D 34 -17.35 20.67 10.33
CA SER D 34 -16.48 21.68 11.03
C SER D 34 -15.11 21.69 10.37
N ILE D 35 -14.39 22.80 10.50
CA ILE D 35 -12.99 22.91 10.00
C ILE D 35 -12.10 23.41 11.13
N ASP D 36 -10.90 22.85 11.25
CA ASP D 36 -9.78 23.42 12.06
C ASP D 36 -8.81 24.06 11.07
N PHE D 37 -8.85 25.37 10.90
CA PHE D 37 -8.03 26.05 9.86
C PHE D 37 -6.55 25.95 10.23
N LYS D 38 -6.19 26.28 11.49
CA LYS D 38 -4.78 26.16 11.99
C LYS D 38 -4.27 24.74 11.65
N ARG D 39 -5.01 23.67 12.00
CA ARG D 39 -4.56 22.25 11.86
C ARG D 39 -4.82 21.72 10.44
N GLU D 40 -5.62 22.37 9.58
CA GLU D 40 -5.92 21.89 8.19
C GLU D 40 -6.62 20.51 8.22
N THR D 41 -7.38 20.26 9.29
CA THR D 41 -8.29 19.10 9.45
C THR D 41 -9.75 19.59 9.33
N CYS D 42 -10.67 18.66 9.15
CA CYS D 42 -12.11 18.96 9.23
C CYS D 42 -12.80 17.72 9.76
N VAL D 43 -14.07 17.87 10.12
CA VAL D 43 -14.96 16.71 10.35
C VAL D 43 -15.95 16.66 9.17
N VAL D 44 -16.18 15.45 8.64
CA VAL D 44 -17.19 15.22 7.58
C VAL D 44 -18.28 14.31 8.12
N VAL D 45 -19.50 14.56 7.66
CA VAL D 45 -20.68 13.68 7.94
C VAL D 45 -21.03 12.92 6.67
N TYR D 46 -21.07 11.58 6.72
CA TYR D 46 -21.40 10.77 5.53
C TYR D 46 -22.93 10.90 5.27
N THR D 47 -23.26 11.33 4.06
CA THR D 47 -24.65 11.57 3.64
C THR D 47 -25.44 10.25 3.71
N GLY D 48 -26.61 10.28 4.36
CA GLY D 48 -27.52 9.12 4.57
C GLY D 48 -27.21 8.31 5.83
N TYR D 49 -25.95 8.22 6.18
CA TYR D 49 -25.48 7.27 7.21
C TYR D 49 -25.46 8.05 8.54
N GLY D 50 -25.02 9.32 8.50
CA GLY D 50 -25.00 10.21 9.66
C GLY D 50 -23.75 10.11 10.52
N ASN D 51 -22.85 9.17 10.19
CA ASN D 51 -21.57 9.00 10.93
C ASN D 51 -20.60 10.10 10.54
N ARG D 52 -19.61 10.33 11.37
CA ARG D 52 -18.63 11.41 11.12
C ARG D 52 -17.19 10.99 11.46
N GLU D 53 -16.22 11.64 10.83
CA GLU D 53 -14.81 11.39 11.19
C GLU D 53 -13.97 12.54 10.68
N GLU D 54 -12.82 12.71 11.28
CA GLU D 54 -11.85 13.72 10.87
C GLU D 54 -11.26 13.33 9.52
N GLN D 55 -11.09 14.31 8.64
CA GLN D 55 -10.24 14.24 7.44
C GLN D 55 -9.22 15.39 7.45
N ASN D 56 -8.13 15.20 6.76
CA ASN D 56 -7.29 16.33 6.25
C ASN D 56 -8.02 16.95 5.07
N LEU D 57 -8.06 18.28 5.06
CA LEU D 57 -8.68 19.03 3.94
C LEU D 57 -8.03 18.57 2.62
N SER D 58 -6.73 18.28 2.66
CA SER D 58 -5.90 17.88 1.49
C SER D 58 -6.46 16.58 0.90
N ASP D 59 -7.20 15.81 1.73
CA ASP D 59 -7.71 14.47 1.38
C ASP D 59 -9.15 14.53 0.86
N LEU D 60 -9.82 15.66 0.94
CA LEU D 60 -11.18 15.77 0.37
C LEU D 60 -11.09 15.80 -1.16
N LEU D 61 -12.15 15.35 -1.79
CA LEU D 61 -12.37 15.33 -3.25
C LEU D 61 -13.58 16.21 -3.55
N SER D 62 -13.62 16.75 -4.74
CA SER D 62 -14.84 17.34 -5.34
C SER D 62 -15.99 16.36 -5.17
N PRO D 63 -17.23 16.83 -4.88
CA PRO D 63 -18.38 15.92 -4.78
C PRO D 63 -18.73 15.23 -6.12
N ILE D 64 -18.17 15.70 -7.24
CA ILE D 64 -18.36 15.03 -8.57
C ILE D 64 -17.60 13.71 -8.52
N CYS D 65 -16.56 13.61 -7.72
CA CYS D 65 -15.67 12.43 -7.73
C CYS D 65 -16.37 11.24 -7.07
N GLU D 66 -16.23 10.06 -7.66
CA GLU D 66 -16.87 8.84 -7.08
C GLU D 66 -15.78 7.78 -6.92
#